data_1Q0R
#
_entry.id   1Q0R
#
_cell.length_a   38.200
_cell.length_b   84.700
_cell.length_c   44.300
_cell.angle_alpha   90.00
_cell.angle_beta   99.99
_cell.angle_gamma   90.00
#
_symmetry.space_group_name_H-M   'P 1 21 1'
#
loop_
_entity.id
_entity.type
_entity.pdbx_description
1 polymer 'aclacinomycin methylesterase'
2 non-polymer '10-DECARBOXYMETHYLACLACINOMYCIN T (DCMAT)'
3 non-polymer 'SULFATE ION'
4 non-polymer 'PENTAETHYLENE GLYCOL'
5 water water
#
_entity_poly.entity_id   1
_entity_poly.type   'polypeptide(L)'
_entity_poly.pdbx_seq_one_letter_code
;MSERIVPSGDVELWSDDFGDPADPALLLVMGGNLSALGWPDEFARRLADGGLHVIRYDHRDTGRSTTRDFAAHPYGFGEL
AADAVAVLDGWGVDRAHVVGLSMGATITQVIALDHHDRLSSLTMLLGGGLDIDFDANIERVMRGEPTLDGLPGPQQPFLD
ALALMNQPAEGRAAEVAKRVSKWRILSGTGVPFDDAEYARWEERAIDHAGGVLAEPYAHYSLTLPPPSRAAELREVTVPT
LVIQAEHDPIAPAPHGKHLAGLIPTARLAEIPGMGHALPSSVHGPLAEVILAHTRSAA
;
_entity_poly.pdbx_strand_id   A
#
# COMPACT_ATOMS: atom_id res chain seq x y z
N SER A 2 3.98 20.74 0.52
CA SER A 2 3.21 21.31 1.67
C SER A 2 2.47 20.20 2.36
N GLU A 3 1.90 20.49 3.52
CA GLU A 3 1.11 19.53 4.24
C GLU A 3 -0.18 20.13 4.77
N ARG A 4 -1.19 19.30 4.93
CA ARG A 4 -2.48 19.72 5.46
C ARG A 4 -3.20 18.58 6.15
N ILE A 5 -4.07 18.95 7.08
CA ILE A 5 -4.96 18.03 7.75
C ILE A 5 -6.30 18.16 7.06
N VAL A 6 -6.85 17.04 6.60
CA VAL A 6 -8.12 17.05 5.87
C VAL A 6 -9.18 16.30 6.68
N PRO A 7 -10.42 16.78 6.65
CA PRO A 7 -11.50 16.10 7.36
C PRO A 7 -12.02 14.88 6.60
N SER A 8 -12.38 13.83 7.34
CA SER A 8 -13.02 12.66 6.75
C SER A 8 -13.99 12.07 7.77
N GLY A 9 -15.21 12.59 7.80
CA GLY A 9 -16.21 12.16 8.75
C GLY A 9 -15.77 12.48 10.17
N ASP A 10 -15.61 11.45 11.01
CA ASP A 10 -15.20 11.67 12.39
C ASP A 10 -13.69 11.51 12.63
N VAL A 11 -12.90 11.40 11.57
CA VAL A 11 -11.43 11.44 11.67
C VAL A 11 -10.84 12.60 10.90
N GLU A 12 -9.60 12.92 11.25
CA GLU A 12 -8.79 13.92 10.57
C GLU A 12 -7.55 13.22 10.03
N LEU A 13 -7.19 13.49 8.78
CA LEU A 13 -6.12 12.77 8.11
C LEU A 13 -4.99 13.73 7.75
N TRP A 14 -3.77 13.40 8.15
CA TRP A 14 -2.60 14.16 7.74
C TRP A 14 -2.18 13.75 6.33
N SER A 15 -1.75 14.73 5.54
CA SER A 15 -1.36 14.51 4.14
C SER A 15 -0.30 15.51 3.72
N ASP A 16 0.57 15.10 2.80
CA ASP A 16 1.51 16.03 2.17
C ASP A 16 1.67 15.70 0.70
N ASP A 17 2.38 16.57 -0.01
CA ASP A 17 2.51 16.42 -1.45
C ASP A 17 3.92 16.69 -1.98
N PHE A 18 4.05 16.40 -3.26
CA PHE A 18 5.29 16.50 -4.02
C PHE A 18 4.93 16.97 -5.42
N GLY A 19 5.80 17.75 -6.02
CA GLY A 19 5.61 18.17 -7.40
C GLY A 19 4.73 19.39 -7.52
N ASP A 20 4.45 19.74 -8.76
CA ASP A 20 3.66 20.91 -9.12
C ASP A 20 2.18 20.60 -8.90
N PRO A 21 1.49 21.40 -8.08
CA PRO A 21 0.04 21.24 -7.90
C PRO A 21 -0.79 21.27 -9.18
N ALA A 22 -0.25 21.82 -10.26
CA ALA A 22 -0.97 21.89 -11.54
C ALA A 22 -0.81 20.63 -12.40
N ASP A 23 0.10 19.74 -12.04
CA ASP A 23 0.21 18.47 -12.74
C ASP A 23 -0.89 17.51 -12.31
N PRO A 24 -1.18 16.49 -13.12
CA PRO A 24 -2.23 15.52 -12.77
C PRO A 24 -2.00 14.86 -11.43
N ALA A 25 -3.06 14.69 -10.66
CA ALA A 25 -2.96 14.16 -9.30
C ALA A 25 -2.69 12.67 -9.33
N LEU A 26 -1.75 12.25 -8.48
CA LEU A 26 -1.44 10.85 -8.21
C LEU A 26 -1.57 10.68 -6.70
N LEU A 27 -2.50 9.82 -6.27
CA LEU A 27 -2.69 9.52 -4.85
C LEU A 27 -2.05 8.18 -4.48
N LEU A 28 -1.11 8.21 -3.55
CA LEU A 28 -0.46 7.03 -3.04
C LEU A 28 -1.22 6.50 -1.82
N VAL A 29 -1.52 5.20 -1.83
CA VAL A 29 -2.27 4.55 -0.76
C VAL A 29 -1.39 3.44 -0.20
N MET A 30 -0.93 3.64 1.03
CA MET A 30 0.02 2.72 1.67
C MET A 30 -0.65 1.43 2.11
N GLY A 31 0.18 0.48 2.51
CA GLY A 31 -0.28 -0.77 3.11
C GLY A 31 -0.76 -0.61 4.54
N GLY A 32 -1.08 -1.74 5.15
CA GLY A 32 -1.63 -1.78 6.49
C GLY A 32 -0.63 -1.34 7.54
N ASN A 33 -1.13 -0.57 8.53
CA ASN A 33 -0.35 -0.06 9.64
C ASN A 33 0.82 0.82 9.23
N LEU A 34 0.77 1.33 8.01
CA LEU A 34 1.85 2.16 7.46
C LEU A 34 1.36 3.57 7.19
N SER A 35 2.10 4.55 7.73
CA SER A 35 1.80 5.95 7.53
C SER A 35 2.27 6.40 6.16
N ALA A 36 2.07 7.68 5.86
CA ALA A 36 2.58 8.30 4.63
C ALA A 36 4.05 7.98 4.40
N LEU A 37 4.82 7.90 5.48
CA LEU A 37 6.28 7.73 5.37
C LEU A 37 6.68 6.31 4.98
N GLY A 38 5.70 5.40 4.88
CA GLY A 38 5.89 4.14 4.19
C GLY A 38 6.22 4.29 2.71
N TRP A 39 5.82 5.41 2.11
CA TRP A 39 6.28 5.80 0.78
C TRP A 39 7.52 6.67 0.98
N PRO A 40 8.71 6.17 0.66
CA PRO A 40 9.90 6.99 0.85
C PRO A 40 9.81 8.32 0.11
N ASP A 41 10.27 9.41 0.74
CA ASP A 41 10.19 10.73 0.11
C ASP A 41 10.82 10.67 -1.28
N GLU A 42 11.94 9.95 -1.38
CA GLU A 42 12.72 9.90 -2.62
C GLU A 42 11.95 9.19 -3.74
N PHE A 43 11.12 8.22 -3.37
CA PHE A 43 10.26 7.58 -4.37
C PHE A 43 9.15 8.52 -4.84
N ALA A 44 8.48 9.17 -3.91
CA ALA A 44 7.43 10.13 -4.24
C ALA A 44 7.98 11.22 -5.16
N ARG A 45 9.21 11.67 -4.88
CA ARG A 45 9.86 12.70 -5.70
C ARG A 45 10.15 12.24 -7.11
N ARG A 46 10.61 10.99 -7.24
CA ARG A 46 10.93 10.41 -8.54
C ARG A 46 9.68 10.33 -9.40
N LEU A 47 8.58 9.96 -8.77
CA LEU A 47 7.29 9.91 -9.46
C LEU A 47 6.84 11.31 -9.86
N ALA A 48 6.85 12.24 -8.90
CA ALA A 48 6.38 13.61 -9.15
C ALA A 48 7.20 14.28 -10.25
N ASP A 49 8.50 14.01 -10.29
CA ASP A 49 9.39 14.66 -11.26
C ASP A 49 9.19 14.14 -12.68
N GLY A 50 8.31 13.16 -12.85
CA GLY A 50 7.87 12.75 -14.17
C GLY A 50 6.70 13.54 -14.72
N GLY A 51 6.17 14.48 -13.92
CA GLY A 51 5.02 15.28 -14.29
C GLY A 51 3.73 14.94 -13.57
N LEU A 52 3.83 14.63 -12.27
CA LEU A 52 2.66 14.32 -11.45
C LEU A 52 2.64 15.13 -10.16
N HIS A 53 1.44 15.43 -9.69
CA HIS A 53 1.23 15.99 -8.37
C HIS A 53 0.95 14.85 -7.41
N VAL A 54 1.99 14.41 -6.71
CA VAL A 54 1.89 13.23 -5.87
C VAL A 54 1.43 13.60 -4.46
N ILE A 55 0.37 12.95 -4.01
CA ILE A 55 -0.20 13.19 -2.68
C ILE A 55 -0.12 11.87 -1.94
N ARG A 56 0.37 11.91 -0.71
CA ARG A 56 0.30 10.75 0.17
C ARG A 56 -0.31 11.18 1.50
N TYR A 57 -0.65 10.22 2.32
CA TYR A 57 -1.34 10.53 3.57
C TYR A 57 -1.19 9.42 4.60
N ASP A 58 -1.60 9.73 5.83
CA ASP A 58 -1.60 8.75 6.90
C ASP A 58 -3.00 8.17 7.02
N HIS A 59 -3.11 6.84 6.88
CA HIS A 59 -4.36 6.15 7.20
C HIS A 59 -4.73 6.54 8.62
N ARG A 60 -6.01 6.53 8.93
CA ARG A 60 -6.42 6.62 10.33
C ARG A 60 -5.69 5.52 11.10
N ASP A 61 -5.31 5.85 12.34
CA ASP A 61 -4.51 5.01 13.23
C ASP A 61 -3.05 4.83 12.81
N THR A 62 -2.55 5.71 11.96
CA THR A 62 -1.12 5.79 11.64
C THR A 62 -0.69 7.26 11.64
N GLY A 63 0.62 7.47 11.80
CA GLY A 63 1.21 8.79 11.67
C GLY A 63 0.54 9.84 12.52
N ARG A 64 0.10 10.92 11.89
CA ARG A 64 -0.51 12.06 12.56
C ARG A 64 -2.03 12.13 12.37
N SER A 65 -2.63 11.05 11.85
CA SER A 65 -4.08 10.98 11.69
C SER A 65 -4.74 10.50 12.98
N THR A 66 -6.06 10.71 13.08
CA THR A 66 -6.81 10.30 14.26
C THR A 66 -6.49 8.87 14.62
N THR A 67 -6.11 8.67 15.88
CA THR A 67 -5.73 7.37 16.39
C THR A 67 -6.57 7.13 17.64
N ARG A 68 -7.17 5.95 17.68
CA ARG A 68 -8.34 5.66 18.52
C ARG A 68 -8.31 4.18 18.91
N ASP A 69 -8.96 3.83 20.00
CA ASP A 69 -9.20 2.43 20.35
C ASP A 69 -10.16 1.82 19.33
N PHE A 70 -9.67 0.85 18.55
CA PHE A 70 -10.46 0.23 17.50
C PHE A 70 -11.71 -0.44 18.05
N ALA A 71 -11.57 -1.15 19.17
CA ALA A 71 -12.69 -1.89 19.76
C ALA A 71 -13.91 -0.99 20.06
N ALA A 72 -13.64 0.25 20.46
CA ALA A 72 -14.69 1.21 20.79
C ALA A 72 -15.24 1.96 19.57
N HIS A 73 -14.52 1.92 18.45
CA HIS A 73 -14.93 2.63 17.23
C HIS A 73 -14.50 1.84 15.99
N PRO A 74 -15.12 0.69 15.74
CA PRO A 74 -14.67 -0.18 14.64
C PRO A 74 -14.92 0.40 13.25
N TYR A 75 -14.06 0.04 12.31
CA TYR A 75 -14.24 0.43 10.93
C TYR A 75 -13.68 -0.67 10.01
N GLY A 76 -13.92 -0.51 8.72
CA GLY A 76 -13.50 -1.48 7.72
C GLY A 76 -12.92 -0.82 6.48
N PHE A 77 -12.87 -1.58 5.41
CA PHE A 77 -12.28 -1.09 4.17
C PHE A 77 -13.13 -0.03 3.48
N GLY A 78 -14.43 -0.02 3.78
CA GLY A 78 -15.29 1.04 3.28
C GLY A 78 -14.85 2.39 3.80
N GLU A 79 -14.53 2.44 5.09
CA GLU A 79 -14.00 3.66 5.70
C GLU A 79 -12.63 4.01 5.15
N LEU A 80 -11.77 3.01 4.97
CA LEU A 80 -10.41 3.27 4.49
C LEU A 80 -10.43 3.81 3.06
N ALA A 81 -11.38 3.33 2.25
CA ALA A 81 -11.52 3.79 0.88
C ALA A 81 -12.12 5.19 0.83
N ALA A 82 -13.11 5.44 1.67
CA ALA A 82 -13.75 6.75 1.72
C ALA A 82 -12.77 7.79 2.23
N ASP A 83 -11.89 7.39 3.15
CA ASP A 83 -10.83 8.27 3.64
C ASP A 83 -9.90 8.70 2.52
N ALA A 84 -9.52 7.76 1.65
CA ALA A 84 -8.67 8.08 0.51
C ALA A 84 -9.34 9.12 -0.38
N VAL A 85 -10.64 8.96 -0.62
CA VAL A 85 -11.41 9.92 -1.40
C VAL A 85 -11.51 11.26 -0.67
N ALA A 86 -11.62 11.23 0.65
CA ALA A 86 -11.61 12.47 1.45
C ALA A 86 -10.31 13.25 1.31
N VAL A 87 -9.21 12.54 1.11
CA VAL A 87 -7.92 13.19 0.87
C VAL A 87 -8.00 13.91 -0.48
N LEU A 88 -8.57 13.29 -1.51
CA LEU A 88 -8.77 13.96 -2.79
C LEU A 88 -9.64 15.20 -2.60
N ASP A 89 -10.75 15.08 -1.88
CA ASP A 89 -11.59 16.24 -1.56
C ASP A 89 -10.77 17.35 -0.91
N GLY A 90 -9.92 16.98 0.04
CA GLY A 90 -9.16 17.92 0.82
C GLY A 90 -8.10 18.67 0.04
N TRP A 91 -7.72 18.14 -1.13
CA TRP A 91 -6.79 18.78 -2.05
C TRP A 91 -7.50 19.31 -3.30
N GLY A 92 -8.83 19.28 -3.32
CA GLY A 92 -9.60 19.81 -4.43
C GLY A 92 -9.45 19.05 -5.73
N VAL A 93 -9.15 17.75 -5.62
CA VAL A 93 -8.92 16.90 -6.78
C VAL A 93 -10.20 16.13 -7.14
N ASP A 94 -10.65 16.27 -8.37
CA ASP A 94 -11.85 15.57 -8.84
C ASP A 94 -11.57 14.11 -9.18
N ARG A 95 -10.56 13.89 -10.02
CA ARG A 95 -10.13 12.54 -10.38
C ARG A 95 -8.62 12.42 -10.24
N ALA A 96 -8.16 11.29 -9.73
CA ALA A 96 -6.75 11.05 -9.50
C ALA A 96 -6.31 9.70 -10.05
N HIS A 97 -5.04 9.62 -10.44
CA HIS A 97 -4.36 8.35 -10.64
C HIS A 97 -4.08 7.79 -9.25
N VAL A 98 -4.69 6.67 -8.91
CA VAL A 98 -4.54 6.10 -7.58
C VAL A 98 -3.61 4.88 -7.65
N VAL A 99 -2.68 4.80 -6.70
CA VAL A 99 -1.74 3.70 -6.59
C VAL A 99 -1.90 3.04 -5.22
N GLY A 100 -2.27 1.76 -5.19
CA GLY A 100 -2.48 1.04 -3.95
C GLY A 100 -1.46 -0.05 -3.78
N LEU A 101 -0.83 -0.10 -2.60
CA LEU A 101 0.25 -1.03 -2.31
C LEU A 101 -0.12 -1.96 -1.17
N SER A 102 0.08 -3.26 -1.39
CA SER A 102 -0.11 -4.27 -0.35
C SER A 102 -1.58 -4.28 0.09
N MET A 103 -1.86 -4.12 1.38
CA MET A 103 -3.25 -3.98 1.83
C MET A 103 -3.94 -2.78 1.17
N GLY A 104 -3.14 -1.79 0.78
CA GLY A 104 -3.62 -0.65 0.04
C GLY A 104 -4.22 -0.99 -1.32
N ALA A 105 -3.75 -2.06 -1.96
CA ALA A 105 -4.37 -2.53 -3.19
C ALA A 105 -5.80 -3.01 -2.95
N THR A 106 -6.06 -3.61 -1.79
CA THR A 106 -7.40 -3.99 -1.38
C THR A 106 -8.26 -2.74 -1.21
N ILE A 107 -7.72 -1.74 -0.51
CA ILE A 107 -8.41 -0.46 -0.36
C ILE A 107 -8.75 0.11 -1.74
N THR A 108 -7.81 0.06 -2.68
CA THR A 108 -8.04 0.70 -3.99
C THR A 108 -9.03 -0.10 -4.86
N GLN A 109 -9.14 -1.41 -4.66
CA GLN A 109 -10.23 -2.15 -5.29
C GLN A 109 -11.59 -1.67 -4.80
N VAL A 110 -11.70 -1.37 -3.50
CA VAL A 110 -12.94 -0.81 -2.97
C VAL A 110 -13.20 0.60 -3.51
N ILE A 111 -12.15 1.40 -3.66
CA ILE A 111 -12.30 2.72 -4.29
C ILE A 111 -12.84 2.53 -5.72
N ALA A 112 -12.30 1.56 -6.45
CA ALA A 112 -12.71 1.31 -7.82
C ALA A 112 -14.19 0.90 -7.93
N LEU A 113 -14.69 0.21 -6.91
CA LEU A 113 -16.07 -0.27 -6.91
C LEU A 113 -17.04 0.81 -6.49
N ASP A 114 -16.69 1.57 -5.46
CA ASP A 114 -17.64 2.46 -4.79
C ASP A 114 -17.38 3.94 -4.99
N HIS A 115 -16.22 4.29 -5.56
CA HIS A 115 -15.87 5.68 -5.85
C HIS A 115 -15.21 5.78 -7.21
N HIS A 116 -15.72 5.05 -8.18
CA HIS A 116 -15.10 4.89 -9.50
C HIS A 116 -15.03 6.26 -10.17
N ASP A 117 -16.02 7.11 -9.95
CA ASP A 117 -16.08 8.47 -10.50
C ASP A 117 -14.91 9.38 -10.11
N ARG A 118 -14.11 8.96 -9.13
CA ARG A 118 -12.99 9.75 -8.63
C ARG A 118 -11.63 9.30 -9.17
N LEU A 119 -11.65 8.37 -10.13
CA LEU A 119 -10.43 7.77 -10.67
C LEU A 119 -10.12 8.20 -12.10
N SER A 120 -8.86 8.60 -12.32
CA SER A 120 -8.28 8.73 -13.65
C SER A 120 -7.71 7.39 -14.11
N SER A 121 -7.14 6.66 -13.16
CA SER A 121 -6.54 5.35 -13.40
C SER A 121 -6.28 4.67 -12.08
N LEU A 122 -5.98 3.39 -12.18
CA LEU A 122 -5.73 2.55 -10.99
C LEU A 122 -4.42 1.79 -11.20
N THR A 123 -3.59 1.78 -10.17
CA THR A 123 -2.39 0.97 -10.14
C THR A 123 -2.39 0.19 -8.84
N MET A 124 -2.08 -1.08 -8.91
CA MET A 124 -1.98 -1.91 -7.70
C MET A 124 -0.72 -2.75 -7.74
N LEU A 125 -0.01 -2.79 -6.63
CA LEU A 125 1.17 -3.65 -6.50
C LEU A 125 1.25 -4.28 -5.13
N LEU A 126 1.93 -5.42 -5.05
CA LEU A 126 2.19 -6.14 -3.81
C LEU A 126 0.92 -6.65 -3.12
N GLY A 127 -0.13 -6.88 -3.89
CA GLY A 127 -1.40 -7.31 -3.34
C GLY A 127 -2.08 -8.35 -4.20
N GLY A 128 -3.39 -8.48 -4.00
CA GLY A 128 -4.15 -9.46 -4.74
C GLY A 128 -5.63 -9.17 -4.70
N GLY A 129 -6.41 -10.03 -5.34
CA GLY A 129 -7.82 -9.78 -5.57
C GLY A 129 -8.70 -9.88 -4.33
N LEU A 130 -9.86 -9.23 -4.40
CA LEU A 130 -10.84 -9.26 -3.31
C LEU A 130 -11.39 -10.65 -3.04
N ASP A 131 -11.25 -11.56 -4.00
CA ASP A 131 -11.65 -12.95 -3.79
C ASP A 131 -10.58 -13.82 -3.10
N ILE A 132 -9.46 -13.21 -2.70
CA ILE A 132 -8.42 -13.92 -1.95
C ILE A 132 -8.69 -13.71 -0.45
N ASP A 133 -8.97 -14.81 0.24
CA ASP A 133 -9.30 -14.81 1.66
C ASP A 133 -8.00 -14.78 2.46
N PHE A 134 -7.35 -13.62 2.46
CA PHE A 134 -5.96 -13.50 2.88
C PHE A 134 -5.69 -13.89 4.32
N ASP A 135 -6.52 -13.40 5.24
CA ASP A 135 -6.32 -13.73 6.66
C ASP A 135 -6.50 -15.21 6.90
N ALA A 136 -7.52 -15.80 6.26
CA ALA A 136 -7.75 -17.23 6.33
C ALA A 136 -6.60 -18.02 5.75
N ASN A 137 -5.98 -17.47 4.70
CA ASN A 137 -4.85 -18.13 4.07
C ASN A 137 -3.59 -18.12 4.92
N ILE A 138 -3.41 -17.11 5.75
CA ILE A 138 -2.27 -17.09 6.68
C ILE A 138 -2.43 -18.27 7.63
N GLU A 139 -3.64 -18.43 8.15
CA GLU A 139 -3.98 -19.55 9.03
C GLU A 139 -3.75 -20.88 8.33
N ARG A 140 -4.18 -20.98 7.08
CA ARG A 140 -4.05 -22.22 6.32
C ARG A 140 -2.60 -22.58 6.02
N VAL A 141 -1.77 -21.61 5.64
CA VAL A 141 -0.36 -21.90 5.33
C VAL A 141 0.41 -22.36 6.58
N MET A 142 0.06 -21.82 7.74
CA MET A 142 0.70 -22.21 8.99
C MET A 142 0.34 -23.65 9.37
N ARG A 143 -0.85 -24.10 8.97
CA ARG A 143 -1.32 -25.45 9.25
C ARG A 143 -1.03 -26.44 8.13
N GLY A 144 -0.46 -25.94 7.02
CA GLY A 144 -0.17 -26.78 5.87
C GLY A 144 -1.39 -27.17 5.05
N GLU A 145 -2.44 -26.35 5.09
CA GLU A 145 -3.65 -26.56 4.29
C GLU A 145 -3.53 -25.69 3.05
N PRO A 146 -4.15 -26.16 1.94
CA PRO A 146 -4.17 -25.38 0.70
C PRO A 146 -5.10 -24.18 0.83
N THR A 147 -4.81 -23.12 0.09
CA THR A 147 -5.74 -22.01 -0.04
C THR A 147 -6.94 -22.49 -0.85
N LEU A 148 -8.11 -21.93 -0.58
CA LEU A 148 -9.31 -22.33 -1.31
C LEU A 148 -9.39 -21.65 -2.68
N ASP A 149 -8.56 -20.63 -2.90
CA ASP A 149 -8.47 -19.98 -4.20
C ASP A 149 -7.47 -20.67 -5.15
N GLY A 150 -6.61 -21.53 -4.60
CA GLY A 150 -5.66 -22.27 -5.41
C GLY A 150 -4.37 -21.54 -5.75
N LEU A 151 -4.28 -20.27 -5.40
CA LEU A 151 -3.06 -19.49 -5.63
C LEU A 151 -2.16 -19.59 -4.41
N PRO A 152 -0.88 -19.27 -4.56
CA PRO A 152 0.06 -19.41 -3.43
C PRO A 152 -0.30 -18.50 -2.26
N GLY A 153 -0.24 -19.06 -1.05
CA GLY A 153 -0.38 -18.27 0.15
C GLY A 153 0.93 -17.57 0.48
N PRO A 154 0.94 -16.80 1.56
CA PRO A 154 2.18 -16.16 2.02
C PRO A 154 3.26 -17.20 2.30
N GLN A 155 4.50 -16.82 2.04
CA GLN A 155 5.63 -17.74 2.03
C GLN A 155 6.47 -17.52 3.29
N GLN A 156 7.54 -18.30 3.43
CA GLN A 156 8.32 -18.32 4.66
C GLN A 156 8.84 -16.94 5.08
N PRO A 157 9.34 -16.11 4.16
CA PRO A 157 9.82 -14.78 4.57
C PRO A 157 8.75 -13.94 5.26
N PHE A 158 7.49 -14.10 4.86
CA PHE A 158 6.39 -13.43 5.55
C PHE A 158 6.29 -13.90 7.00
N LEU A 159 6.32 -15.21 7.21
CA LEU A 159 6.26 -15.78 8.55
C LEU A 159 7.45 -15.34 9.39
N ASP A 160 8.63 -15.29 8.76
CA ASP A 160 9.86 -14.85 9.42
C ASP A 160 9.74 -13.39 9.89
N ALA A 161 9.13 -12.55 9.04
CA ALA A 161 8.96 -11.13 9.36
C ALA A 161 8.00 -10.96 10.53
N LEU A 162 6.97 -11.81 10.60
CA LEU A 162 6.02 -11.77 11.72
C LEU A 162 6.72 -12.19 13.02
N ALA A 163 7.65 -13.14 12.92
CA ALA A 163 8.39 -13.63 14.08
C ALA A 163 9.33 -12.56 14.64
N LEU A 164 9.95 -11.80 13.74
CA LEU A 164 10.82 -10.69 14.11
C LEU A 164 10.01 -9.58 14.76
N MET A 165 8.82 -9.33 14.21
CA MET A 165 7.93 -8.30 14.74
C MET A 165 7.48 -8.61 16.19
N ASN A 166 7.55 -9.89 16.58
CA ASN A 166 7.18 -10.33 17.94
C ASN A 166 8.33 -10.04 18.91
N GLN A 167 9.59 -10.00 18.47
CA GLN A 167 10.75 -9.81 19.33
C GLN A 167 10.81 -8.36 19.82
N PRO A 168 11.24 -8.18 21.09
CA PRO A 168 11.24 -6.88 21.76
C PRO A 168 12.40 -6.09 21.27
N ALA A 169 12.18 -4.74 21.17
CA ALA A 169 13.23 -3.76 20.89
C ALA A 169 13.11 -2.61 21.89
N GLU A 170 14.18 -2.38 22.63
CA GLU A 170 14.19 -1.31 23.64
C GLU A 170 14.98 -0.11 23.11
N GLY A 171 14.29 1.01 22.93
CA GLY A 171 14.92 2.24 22.49
C GLY A 171 14.85 2.44 20.99
N ARG A 172 15.14 3.67 20.57
CA ARG A 172 14.96 4.09 19.18
C ARG A 172 15.91 3.38 18.22
N ALA A 173 17.18 3.27 18.59
CA ALA A 173 18.16 2.63 17.74
C ALA A 173 17.78 1.17 17.47
N ALA A 174 17.34 0.47 18.52
CA ALA A 174 16.94 -0.92 18.42
C ALA A 174 15.66 -1.07 17.60
N GLU A 175 14.74 -0.12 17.74
CA GLU A 175 13.49 -0.16 16.99
C GLU A 175 13.75 0.02 15.50
N VAL A 176 14.59 0.99 15.16
CA VAL A 176 14.96 1.24 13.77
C VAL A 176 15.63 -0.01 13.18
N ALA A 177 16.60 -0.57 13.89
CA ALA A 177 17.30 -1.77 13.42
C ALA A 177 16.34 -2.93 13.20
N LYS A 178 15.39 -3.09 14.11
CA LYS A 178 14.41 -4.16 14.03
C LYS A 178 13.55 -3.98 12.77
N ARG A 179 13.07 -2.76 12.55
CA ARG A 179 12.23 -2.47 11.40
C ARG A 179 12.99 -2.72 10.09
N VAL A 180 14.24 -2.26 10.04
CA VAL A 180 15.07 -2.47 8.87
C VAL A 180 15.28 -3.96 8.61
N SER A 181 15.48 -4.74 9.68
CA SER A 181 15.65 -6.19 9.53
C SER A 181 14.41 -6.84 8.94
N LYS A 182 13.23 -6.33 9.31
CA LYS A 182 11.96 -6.80 8.76
C LYS A 182 11.89 -6.52 7.27
N TRP A 183 12.23 -5.30 6.86
CA TRP A 183 12.16 -4.94 5.44
C TRP A 183 13.16 -5.73 4.61
N ARG A 184 14.32 -6.01 5.20
CA ARG A 184 15.35 -6.77 4.52
C ARG A 184 14.87 -8.19 4.22
N ILE A 185 14.19 -8.80 5.20
CA ILE A 185 13.58 -10.12 5.03
C ILE A 185 12.52 -10.09 3.91
N LEU A 186 11.65 -9.11 3.95
CA LEU A 186 10.54 -9.01 2.98
C LEU A 186 11.01 -8.63 1.57
N SER A 187 12.05 -7.81 1.48
CA SER A 187 12.60 -7.40 0.19
C SER A 187 13.30 -8.55 -0.53
N GLY A 188 13.95 -9.43 0.24
CA GLY A 188 14.72 -10.52 -0.34
C GLY A 188 16.04 -10.04 -0.91
N THR A 189 16.64 -10.85 -1.77
CA THR A 189 17.97 -10.57 -2.33
C THR A 189 17.97 -10.38 -3.85
N GLY A 190 16.80 -10.36 -4.46
CA GLY A 190 16.67 -10.27 -5.91
C GLY A 190 16.98 -8.91 -6.50
N VAL A 191 16.88 -7.87 -5.66
CA VAL A 191 17.35 -6.54 -5.99
C VAL A 191 18.21 -6.03 -4.81
N PRO A 192 19.12 -5.09 -5.06
CA PRO A 192 19.93 -4.53 -3.98
C PRO A 192 19.12 -3.87 -2.87
N PHE A 193 19.44 -4.23 -1.63
CA PHE A 193 18.83 -3.66 -0.43
C PHE A 193 19.90 -2.90 0.33
N ASP A 194 19.64 -1.63 0.63
CA ASP A 194 20.56 -0.84 1.43
C ASP A 194 19.99 -0.53 2.81
N ASP A 195 20.68 -1.01 3.83
CA ASP A 195 20.17 -0.90 5.19
C ASP A 195 20.18 0.54 5.67
N ALA A 196 21.18 1.32 5.27
CA ALA A 196 21.30 2.70 5.71
C ALA A 196 20.14 3.54 5.21
N GLU A 197 19.73 3.35 3.95
CA GLU A 197 18.62 4.13 3.40
C GLU A 197 17.31 3.76 4.09
N TYR A 198 17.09 2.47 4.35
CA TYR A 198 15.86 2.04 5.02
C TYR A 198 15.83 2.51 6.47
N ALA A 199 17.00 2.54 7.11
CA ALA A 199 17.11 3.09 8.46
C ALA A 199 16.70 4.56 8.48
N ARG A 200 17.18 5.34 7.52
CA ARG A 200 16.80 6.75 7.42
C ARG A 200 15.29 6.88 7.20
N TRP A 201 14.72 6.04 6.34
CA TRP A 201 13.29 6.09 6.09
C TRP A 201 12.47 5.79 7.34
N GLU A 202 12.94 4.85 8.16
CA GLU A 202 12.25 4.53 9.41
C GLU A 202 12.47 5.61 10.47
N GLU A 203 13.65 6.22 10.48
CA GLU A 203 13.87 7.36 11.37
C GLU A 203 12.87 8.48 11.06
N ARG A 204 12.66 8.76 9.79
CA ARG A 204 11.67 9.76 9.37
C ARG A 204 10.25 9.35 9.75
N ALA A 205 9.92 8.07 9.62
CA ALA A 205 8.60 7.57 9.99
C ALA A 205 8.34 7.70 11.49
N ILE A 206 9.37 7.45 12.29
CA ILE A 206 9.26 7.56 13.74
C ILE A 206 9.14 9.03 14.14
N ASP A 207 9.95 9.90 13.55
CA ASP A 207 9.85 11.34 13.77
C ASP A 207 8.47 11.84 13.43
N HIS A 208 7.94 11.36 12.30
CA HIS A 208 6.61 11.75 11.85
C HIS A 208 5.52 11.37 12.85
N ALA A 209 5.74 10.26 13.55
CA ALA A 209 4.83 9.80 14.60
C ALA A 209 5.13 10.42 15.96
N GLY A 210 5.78 11.59 15.98
CA GLY A 210 6.11 12.24 17.24
C GLY A 210 7.17 11.53 18.07
N GLY A 211 8.02 10.75 17.42
CA GLY A 211 9.08 10.00 18.06
C GLY A 211 8.66 8.72 18.72
N VAL A 212 7.37 8.40 18.64
CA VAL A 212 6.80 7.20 19.24
C VAL A 212 7.37 5.98 18.53
N LEU A 213 7.77 4.96 19.29
CA LEU A 213 8.50 3.82 18.76
C LEU A 213 7.60 2.64 18.38
N ALA A 214 6.42 2.55 18.98
CA ALA A 214 5.49 1.46 18.66
C ALA A 214 4.91 1.65 17.25
N GLU A 215 4.87 0.58 16.48
CA GLU A 215 4.24 0.58 15.16
C GLU A 215 2.73 0.66 15.37
N PRO A 216 2.00 1.23 14.41
CA PRO A 216 0.54 1.12 14.42
C PRO A 216 0.09 -0.34 14.41
N TYR A 217 -1.07 -0.61 15.01
CA TYR A 217 -1.57 -1.98 15.11
C TYR A 217 -3.09 -2.11 14.91
N ALA A 218 -3.79 -1.00 14.70
CA ALA A 218 -5.25 -1.04 14.58
C ALA A 218 -5.68 -1.89 13.40
N HIS A 219 -4.94 -1.86 12.31
CA HIS A 219 -5.38 -2.54 11.08
C HIS A 219 -5.36 -4.07 11.19
N TYR A 220 -4.72 -4.63 12.21
CA TYR A 220 -4.82 -6.07 12.48
C TYR A 220 -6.23 -6.50 12.88
N SER A 221 -7.07 -5.53 13.28
CA SER A 221 -8.44 -5.80 13.69
C SER A 221 -9.46 -5.71 12.55
N LEU A 222 -8.99 -5.33 11.35
CA LEU A 222 -9.87 -5.20 10.20
C LEU A 222 -10.39 -6.55 9.71
N THR A 223 -11.57 -6.50 9.11
CA THR A 223 -12.16 -7.61 8.38
C THR A 223 -12.16 -7.24 6.90
N LEU A 224 -11.77 -8.18 6.06
CA LEU A 224 -11.72 -7.98 4.62
C LEU A 224 -13.11 -7.92 4.03
N PRO A 225 -13.28 -7.24 2.90
CA PRO A 225 -14.54 -7.33 2.15
C PRO A 225 -14.83 -8.80 1.83
N PRO A 226 -16.10 -9.18 1.72
CA PRO A 226 -16.44 -10.55 1.36
C PRO A 226 -16.00 -10.83 -0.08
N PRO A 227 -15.69 -12.08 -0.42
CA PRO A 227 -15.19 -12.40 -1.76
C PRO A 227 -16.19 -12.13 -2.88
N SER A 228 -17.47 -12.00 -2.56
CA SER A 228 -18.51 -11.63 -3.52
C SER A 228 -18.20 -10.35 -4.30
N ARG A 229 -17.44 -9.44 -3.68
CA ARG A 229 -17.13 -8.15 -4.29
C ARG A 229 -16.18 -8.27 -5.49
N ALA A 230 -15.41 -9.35 -5.56
CA ALA A 230 -14.49 -9.54 -6.68
C ALA A 230 -15.20 -9.50 -8.04
N ALA A 231 -16.40 -10.08 -8.09
CA ALA A 231 -17.19 -10.15 -9.32
C ALA A 231 -17.58 -8.77 -9.83
N GLU A 232 -17.75 -7.83 -8.90
CA GLU A 232 -18.13 -6.45 -9.25
C GLU A 232 -17.05 -5.72 -10.02
N LEU A 233 -15.80 -6.19 -9.91
CA LEU A 233 -14.68 -5.52 -10.58
C LEU A 233 -14.75 -5.61 -12.11
N ARG A 234 -15.59 -6.49 -12.62
CA ARG A 234 -15.84 -6.63 -14.07
C ARG A 234 -16.45 -5.33 -14.62
N GLU A 235 -17.04 -4.48 -13.80
CA GLU A 235 -17.65 -3.23 -14.23
C GLU A 235 -16.66 -2.04 -14.26
N VAL A 236 -15.44 -2.25 -13.78
CA VAL A 236 -14.42 -1.19 -13.76
C VAL A 236 -13.98 -0.86 -15.20
N THR A 237 -13.86 0.43 -15.51
CA THR A 237 -13.48 0.90 -16.85
C THR A 237 -12.28 1.84 -16.90
N VAL A 238 -11.79 2.33 -15.77
CA VAL A 238 -10.57 3.14 -15.82
C VAL A 238 -9.36 2.24 -16.11
N PRO A 239 -8.37 2.79 -16.81
CA PRO A 239 -7.14 2.06 -17.07
C PRO A 239 -6.54 1.53 -15.78
N THR A 240 -6.19 0.25 -15.78
CA THR A 240 -5.69 -0.41 -14.58
C THR A 240 -4.36 -1.08 -14.88
N LEU A 241 -3.41 -0.86 -13.98
CA LEU A 241 -2.09 -1.48 -14.04
C LEU A 241 -1.92 -2.31 -12.79
N VAL A 242 -1.57 -3.58 -12.95
CA VAL A 242 -1.20 -4.44 -11.84
C VAL A 242 0.28 -4.75 -11.97
N ILE A 243 1.04 -4.48 -10.90
CA ILE A 243 2.47 -4.76 -10.88
C ILE A 243 2.76 -5.89 -9.92
N GLN A 244 3.38 -6.95 -10.44
CA GLN A 244 3.80 -8.11 -9.67
C GLN A 244 5.28 -7.93 -9.36
N ALA A 245 5.63 -7.89 -8.07
CA ALA A 245 7.02 -8.03 -7.66
C ALA A 245 7.37 -9.50 -7.89
N GLU A 246 8.44 -9.76 -8.65
CA GLU A 246 8.73 -11.12 -9.08
C GLU A 246 8.84 -12.11 -7.92
N HIS A 247 9.49 -11.67 -6.86
CA HIS A 247 9.74 -12.52 -5.68
C HIS A 247 8.99 -12.06 -4.43
N ASP A 248 7.76 -11.63 -4.61
CA ASP A 248 6.91 -11.17 -3.52
C ASP A 248 6.59 -12.34 -2.59
N PRO A 249 7.07 -12.31 -1.35
CA PRO A 249 6.80 -13.40 -0.40
C PRO A 249 5.41 -13.37 0.24
N ILE A 250 4.65 -12.29 0.10
CA ILE A 250 3.33 -12.21 0.69
C ILE A 250 2.23 -12.52 -0.33
N ALA A 251 2.35 -11.96 -1.53
CA ALA A 251 1.40 -12.19 -2.62
C ALA A 251 2.17 -12.65 -3.85
N PRO A 252 2.64 -13.89 -3.83
CA PRO A 252 3.47 -14.42 -4.93
C PRO A 252 2.73 -14.53 -6.25
N ALA A 253 3.46 -14.50 -7.35
CA ALA A 253 2.88 -14.81 -8.65
C ALA A 253 2.21 -16.18 -8.59
N PRO A 254 1.05 -16.36 -9.23
CA PRO A 254 0.39 -15.40 -10.11
C PRO A 254 -0.70 -14.52 -9.49
N HIS A 255 -0.53 -14.05 -8.26
CA HIS A 255 -1.55 -13.17 -7.69
C HIS A 255 -1.90 -11.98 -8.58
N GLY A 256 -0.92 -11.50 -9.34
CA GLY A 256 -0.95 -10.34 -10.03
C GLY A 256 -1.70 -10.44 -11.15
N LYS A 257 -1.36 -11.55 -11.83
CA LYS A 257 -2.08 -11.97 -13.02
C LYS A 257 -3.54 -12.21 -12.72
N HIS A 258 -3.82 -12.84 -11.59
CA HIS A 258 -5.18 -13.11 -11.20
C HIS A 258 -5.97 -11.82 -10.93
N LEU A 259 -5.36 -10.87 -10.23
CA LEU A 259 -5.99 -9.58 -9.97
C LEU A 259 -6.30 -8.86 -11.29
N ALA A 260 -5.33 -8.85 -12.20
CA ALA A 260 -5.54 -8.26 -13.52
C ALA A 260 -6.72 -8.91 -14.25
N GLY A 261 -6.86 -10.23 -14.10
CA GLY A 261 -7.93 -10.95 -14.74
C GLY A 261 -9.33 -10.63 -14.24
N LEU A 262 -9.42 -9.95 -13.09
CA LEU A 262 -10.70 -9.51 -12.54
C LEU A 262 -11.24 -8.21 -13.15
N ILE A 263 -10.37 -7.43 -13.78
CA ILE A 263 -10.69 -6.09 -14.26
C ILE A 263 -10.46 -6.02 -15.78
N PRO A 264 -11.49 -5.72 -16.58
CA PRO A 264 -11.33 -5.80 -18.03
C PRO A 264 -10.27 -4.87 -18.61
N THR A 265 -10.01 -3.75 -17.94
CA THR A 265 -9.03 -2.76 -18.40
C THR A 265 -7.64 -2.93 -17.80
N ALA A 266 -7.37 -4.08 -17.19
CA ALA A 266 -6.11 -4.27 -16.48
C ALA A 266 -5.02 -4.82 -17.39
N ARG A 267 -3.81 -4.29 -17.20
CA ARG A 267 -2.61 -4.79 -17.82
C ARG A 267 -1.64 -5.17 -16.71
N LEU A 268 -0.83 -6.17 -16.95
CA LEU A 268 0.10 -6.70 -15.97
C LEU A 268 1.54 -6.33 -16.34
N ALA A 269 2.29 -5.86 -15.35
CA ALA A 269 3.73 -5.69 -15.43
C ALA A 269 4.39 -6.47 -14.29
N GLU A 270 5.65 -6.84 -14.48
CA GLU A 270 6.41 -7.51 -13.44
C GLU A 270 7.76 -6.82 -13.26
N ILE A 271 8.13 -6.52 -12.02
CA ILE A 271 9.43 -5.95 -11.72
C ILE A 271 10.35 -7.12 -11.37
N PRO A 272 11.35 -7.40 -12.22
CA PRO A 272 12.29 -8.50 -11.93
C PRO A 272 12.99 -8.34 -10.60
N GLY A 273 13.11 -9.44 -9.86
CA GLY A 273 13.90 -9.46 -8.64
C GLY A 273 13.26 -8.87 -7.40
N MET A 274 12.20 -8.10 -7.57
CA MET A 274 11.64 -7.31 -6.47
C MET A 274 10.90 -8.18 -5.45
N GLY A 275 11.04 -7.82 -4.17
CA GLY A 275 10.25 -8.38 -3.08
C GLY A 275 9.18 -7.44 -2.56
N HIS A 276 8.79 -7.62 -1.29
CA HIS A 276 7.70 -6.85 -0.68
C HIS A 276 8.24 -5.66 0.12
N ALA A 277 8.88 -4.75 -0.59
CA ALA A 277 9.56 -3.59 -0.01
C ALA A 277 9.97 -2.64 -1.12
N LEU A 278 10.38 -1.43 -0.74
CA LEU A 278 10.67 -0.38 -1.70
C LEU A 278 12.10 0.16 -1.59
N PRO A 279 13.10 -0.70 -1.75
CA PRO A 279 14.48 -0.20 -1.76
C PRO A 279 14.64 0.72 -2.98
N SER A 280 15.57 1.66 -2.93
CA SER A 280 15.72 2.62 -4.02
C SER A 280 16.11 1.98 -5.36
N SER A 281 16.69 0.77 -5.29
CA SER A 281 16.99 -0.01 -6.49
C SER A 281 15.80 -0.25 -7.40
N VAL A 282 14.59 -0.21 -6.87
CA VAL A 282 13.39 -0.40 -7.70
C VAL A 282 12.58 0.88 -7.92
N HIS A 283 13.03 2.02 -7.39
CA HIS A 283 12.28 3.27 -7.54
C HIS A 283 12.17 3.69 -9.00
N GLY A 284 13.27 3.59 -9.74
CA GLY A 284 13.30 3.94 -11.14
C GLY A 284 12.37 3.09 -11.98
N PRO A 285 12.55 1.77 -11.96
CA PRO A 285 11.62 0.84 -12.64
C PRO A 285 10.14 1.02 -12.27
N LEU A 286 9.84 1.18 -10.99
CA LEU A 286 8.45 1.40 -10.57
C LEU A 286 7.91 2.73 -11.12
N ALA A 287 8.68 3.80 -10.98
CA ALA A 287 8.25 5.11 -11.46
C ALA A 287 8.04 5.07 -12.98
N GLU A 288 8.91 4.36 -13.70
CA GLU A 288 8.82 4.31 -15.15
C GLU A 288 7.51 3.68 -15.61
N VAL A 289 7.12 2.57 -15.00
CA VAL A 289 5.94 1.86 -15.46
C VAL A 289 4.66 2.59 -15.01
N ILE A 290 4.70 3.19 -13.83
CA ILE A 290 3.57 3.99 -13.37
C ILE A 290 3.38 5.22 -14.25
N LEU A 291 4.48 5.89 -14.58
CA LEU A 291 4.39 7.10 -15.39
C LEU A 291 3.90 6.80 -16.82
N ALA A 292 4.34 5.69 -17.39
CA ALA A 292 3.87 5.28 -18.71
C ALA A 292 2.37 5.01 -18.66
N HIS A 293 1.91 4.41 -17.57
CA HIS A 293 0.50 4.09 -17.39
C HIS A 293 -0.35 5.36 -17.26
N THR A 294 0.03 6.25 -16.35
CA THR A 294 -0.75 7.47 -16.12
C THR A 294 -0.79 8.33 -17.38
N ARG A 295 0.29 8.33 -18.15
CA ARG A 295 0.36 9.09 -19.39
C ARG A 295 -0.68 8.59 -20.40
N SER A 296 -0.85 7.28 -20.48
CA SER A 296 -1.80 6.68 -21.40
C SER A 296 -3.26 6.87 -20.98
N ALA A 297 -3.47 7.18 -19.69
CA ALA A 297 -4.80 7.42 -19.15
C ALA A 297 -5.21 8.89 -19.21
N ALA A 298 -4.47 9.69 -19.99
CA ALA A 298 -4.73 11.13 -20.09
C ALA A 298 -4.44 11.64 -21.51
#